data_5NX6
#
_entry.id   5NX6
#
_cell.length_a   60.810
_cell.length_b   60.830
_cell.length_c   64.100
_cell.angle_alpha   90.04
_cell.angle_beta   92.89
_cell.angle_gamma   101.98
#
_symmetry.space_group_name_H-M   'P 1'
#
loop_
_entity.id
_entity.type
_entity.pdbx_description
1 polymer 'Pentalenene synthase'
2 non-polymer '(2E)-2-fluoro-3,7-dimethylocta-2,6-dien-1-yl trihydrogen diphosphate'
3 non-polymer 'MAGNESIUM ION'
4 non-polymer 2-ethyl-2-(hydroxymethyl)propane-1,3-diol
5 non-polymer 'ETHYL DIMETHYL AMMONIO PROPANE SULFONATE'
6 non-polymer GLYCEROL
7 water water
#
_entity_poly.entity_id   1
_entity_poly.type   'polypeptide(L)'
_entity_poly.pdbx_seq_one_letter_code
;MPAGHEEFDIPFPSRVNPFHARAEDRHVAWMRAMGLITGDAAEATYRRWSPAKVGARWFYLAQGEDLDLGCDIFGWFFAY
DDHFDGPTGTDPRQTAAFVNRTVAMLDPRADPTGEHPLNIAFHDLWQRESAPMSPLWQRRAVDHWTQYLTAHITEATNRT
RHTSPTIADYLELRHRTGFMPPLLDLIERVWRAEIPAPVYTTPEVQTLLHTTNQNINIVNDVLSLEKEEAHGDPHNLVLV
IQHERQSTRQQALATARRMIDEWTDTFIRTEPRLPALCGRLGIPLADRTSLYTAVEGMRAAIRGNYDWCAETNRYAVHRP
TGTGRATTPW
;
_entity_poly.pdbx_strand_id   A,B
#
# COMPACT_ATOMS: atom_id res chain seq x y z
N GLY A 4 3.70 -18.27 -18.59
CA GLY A 4 3.76 -18.03 -20.02
C GLY A 4 4.37 -16.68 -20.37
N HIS A 5 5.11 -16.07 -19.43
CA HIS A 5 5.67 -14.74 -19.65
C HIS A 5 6.91 -14.61 -18.80
N GLU A 6 7.78 -13.67 -19.17
CA GLU A 6 8.93 -13.39 -18.33
C GLU A 6 8.45 -12.90 -16.96
N GLU A 7 9.07 -13.42 -15.91
CA GLU A 7 8.70 -13.09 -14.54
C GLU A 7 9.81 -12.30 -13.86
N PHE A 8 9.39 -11.30 -13.10
CA PHE A 8 10.32 -10.46 -12.33
C PHE A 8 9.91 -10.41 -10.87
N ASP A 9 10.92 -10.22 -10.03
CA ASP A 9 10.75 -10.10 -8.59
C ASP A 9 10.53 -8.61 -8.29
N ILE A 10 9.28 -8.21 -8.23
CA ILE A 10 8.90 -6.83 -7.92
C ILE A 10 8.40 -6.85 -6.48
N PRO A 11 9.10 -6.23 -5.53
CA PRO A 11 8.92 -6.60 -4.12
C PRO A 11 7.79 -5.85 -3.39
N PHE A 12 6.67 -5.72 -4.08
CA PHE A 12 5.46 -5.12 -3.57
C PHE A 12 4.29 -6.04 -3.82
N PRO A 13 3.22 -5.93 -3.03
CA PRO A 13 2.09 -6.85 -3.24
C PRO A 13 1.32 -6.47 -4.48
N SER A 14 0.63 -7.47 -5.02
CA SER A 14 -0.30 -7.26 -6.13
CA SER A 14 -0.30 -7.26 -6.11
C SER A 14 -1.60 -6.73 -5.54
N ARG A 15 -2.09 -5.63 -6.12
CA ARG A 15 -3.31 -4.98 -5.63
C ARG A 15 -4.14 -4.45 -6.79
N VAL A 16 -5.45 -4.55 -6.62
CA VAL A 16 -6.39 -3.97 -7.55
CA VAL A 16 -6.43 -4.02 -7.55
C VAL A 16 -7.48 -3.21 -6.78
N ASN A 17 -7.82 -2.06 -7.30
CA ASN A 17 -8.91 -1.26 -6.73
C ASN A 17 -10.16 -2.13 -6.58
N PRO A 18 -10.84 -2.12 -5.43
CA PRO A 18 -12.05 -2.96 -5.25
C PRO A 18 -13.15 -2.60 -6.24
N PHE A 19 -13.13 -1.38 -6.80
CA PHE A 19 -14.17 -0.91 -7.73
C PHE A 19 -13.75 -1.06 -9.18
N HIS A 20 -12.83 -2.00 -9.47
CA HIS A 20 -12.32 -2.16 -10.84
C HIS A 20 -13.43 -2.46 -11.85
N ALA A 21 -14.42 -3.29 -11.48
CA ALA A 21 -15.45 -3.67 -12.44
C ALA A 21 -16.30 -2.48 -12.84
N ARG A 22 -16.85 -1.75 -11.87
CA ARG A 22 -17.61 -0.56 -12.22
C ARG A 22 -16.73 0.45 -12.94
N ALA A 23 -15.44 0.50 -12.59
CA ALA A 23 -14.53 1.45 -13.23
C ALA A 23 -14.40 1.16 -14.72
N GLU A 24 -14.35 -0.12 -15.10
CA GLU A 24 -14.34 -0.41 -16.52
C GLU A 24 -15.61 0.10 -17.24
N ASP A 25 -16.80 -0.12 -16.66
CA ASP A 25 -18.03 0.34 -17.31
C ASP A 25 -17.98 1.86 -17.49
N ARG A 26 -17.54 2.57 -16.46
CA ARG A 26 -17.52 4.02 -16.59
C ARG A 26 -16.48 4.45 -17.60
N HIS A 27 -15.31 3.81 -17.59
CA HIS A 27 -14.25 4.17 -18.53
C HIS A 27 -14.68 3.90 -19.97
N VAL A 28 -15.31 2.75 -20.21
CA VAL A 28 -15.80 2.48 -21.56
C VAL A 28 -16.84 3.51 -22.00
N ALA A 29 -17.76 3.87 -21.10
CA ALA A 29 -18.75 4.86 -21.44
C ALA A 29 -18.08 6.18 -21.83
N TRP A 30 -17.02 6.54 -21.12
CA TRP A 30 -16.24 7.73 -21.46
C TRP A 30 -15.62 7.60 -22.84
N MET A 31 -14.98 6.45 -23.13
CA MET A 31 -14.37 6.25 -24.43
C MET A 31 -15.39 6.38 -25.54
N ARG A 32 -16.59 5.86 -25.28
CA ARG A 32 -17.67 5.95 -26.28
C ARG A 32 -18.18 7.36 -26.42
N ALA A 33 -18.35 8.07 -25.30
CA ALA A 33 -18.83 9.45 -25.36
C ALA A 33 -17.85 10.35 -26.09
N MET A 34 -16.54 10.08 -25.99
CA MET A 34 -15.51 10.87 -26.65
C MET A 34 -15.27 10.43 -28.10
N GLY A 35 -15.97 9.41 -28.60
CA GLY A 35 -15.76 8.96 -29.97
C GLY A 35 -14.51 8.14 -30.23
N LEU A 36 -13.89 7.61 -29.17
CA LEU A 36 -12.67 6.86 -29.33
C LEU A 36 -12.96 5.37 -29.48
N ILE A 37 -14.15 4.94 -29.05
CA ILE A 37 -14.65 3.58 -29.27
C ILE A 37 -16.00 3.76 -29.94
N THR A 38 -16.19 3.09 -31.08
CA THR A 38 -17.44 3.18 -31.82
C THR A 38 -17.96 1.76 -32.05
N GLY A 39 -19.11 1.46 -31.48
CA GLY A 39 -19.81 0.23 -31.81
C GLY A 39 -19.53 -0.88 -30.80
N ASP A 40 -20.45 -1.85 -30.79
CA ASP A 40 -20.38 -2.90 -29.79
C ASP A 40 -19.18 -3.81 -30.00
N ALA A 41 -18.87 -4.13 -31.28
CA ALA A 41 -17.72 -5.00 -31.54
C ALA A 41 -16.44 -4.40 -31.00
N ALA A 42 -16.19 -3.13 -31.31
CA ALA A 42 -14.98 -2.48 -30.81
C ALA A 42 -14.97 -2.51 -29.29
N GLU A 43 -16.11 -2.22 -28.68
CA GLU A 43 -16.17 -2.20 -27.23
C GLU A 43 -15.81 -3.56 -26.66
N ALA A 44 -16.38 -4.63 -27.24
CA ALA A 44 -16.12 -5.95 -26.70
C ALA A 44 -14.65 -6.32 -26.84
N THR A 45 -14.03 -5.98 -27.97
CA THR A 45 -12.60 -6.21 -28.19
C THR A 45 -11.78 -5.44 -27.16
N TYR A 46 -12.14 -4.16 -26.95
CA TYR A 46 -11.42 -3.31 -26.02
C TYR A 46 -11.52 -3.85 -24.60
N ARG A 47 -12.70 -4.30 -24.20
CA ARG A 47 -12.84 -4.81 -22.85
C ARG A 47 -11.97 -6.03 -22.63
N ARG A 48 -11.68 -6.79 -23.69
CA ARG A 48 -10.90 -8.01 -23.50
C ARG A 48 -9.50 -7.72 -22.98
N TRP A 49 -9.01 -6.50 -23.18
CA TRP A 49 -7.70 -6.06 -22.70
C TRP A 49 -7.66 -5.77 -21.21
N SER A 50 -8.82 -5.74 -20.54
CA SER A 50 -8.95 -5.23 -19.18
C SER A 50 -8.35 -3.82 -19.10
N PRO A 51 -8.82 -2.91 -19.94
CA PRO A 51 -8.15 -1.62 -20.14
C PRO A 51 -8.23 -0.66 -18.97
N ALA A 52 -9.25 -0.75 -18.13
CA ALA A 52 -9.33 0.07 -16.94
C ALA A 52 -8.60 -0.59 -15.78
N LYS A 53 -8.15 -1.83 -15.95
CA LYS A 53 -7.48 -2.54 -14.86
C LYS A 53 -6.08 -2.03 -14.57
N VAL A 54 -5.40 -1.46 -15.58
CA VAL A 54 -4.10 -0.84 -15.31
C VAL A 54 -4.24 0.36 -14.38
N GLY A 55 -5.20 1.27 -14.64
CA GLY A 55 -5.50 2.32 -13.67
C GLY A 55 -5.96 1.77 -12.32
N ALA A 56 -6.73 0.70 -12.36
CA ALA A 56 -7.23 0.13 -11.12
C ALA A 56 -6.08 -0.41 -10.28
N ARG A 57 -4.99 -0.90 -10.92
CA ARG A 57 -3.83 -1.42 -10.15
C ARG A 57 -2.95 -0.28 -9.65
N TRP A 58 -2.69 0.70 -10.50
CA TRP A 58 -1.90 1.84 -10.06
C TRP A 58 -2.56 2.57 -8.92
N PHE A 59 -3.87 2.71 -8.99
CA PHE A 59 -4.61 3.61 -8.11
C PHE A 59 -5.56 2.78 -7.26
N TYR A 60 -5.00 1.89 -6.44
CA TYR A 60 -5.83 0.84 -5.85
C TYR A 60 -6.76 1.29 -4.73
N LEU A 61 -6.67 2.54 -4.26
CA LEU A 61 -7.56 3.12 -3.24
C LEU A 61 -8.32 4.32 -3.74
N ALA A 62 -8.12 4.73 -4.99
CA ALA A 62 -8.84 5.87 -5.51
C ALA A 62 -10.32 5.55 -5.67
N GLN A 63 -11.17 6.60 -5.56
CA GLN A 63 -12.59 6.44 -5.76
C GLN A 63 -13.15 7.51 -6.69
N GLY A 64 -14.32 7.22 -7.23
CA GLY A 64 -15.08 8.25 -7.93
C GLY A 64 -14.28 8.87 -9.06
N GLU A 65 -14.32 10.20 -9.14
CA GLU A 65 -13.70 10.92 -10.25
C GLU A 65 -12.18 10.77 -10.27
N ASP A 66 -11.54 10.60 -9.11
CA ASP A 66 -10.11 10.36 -9.08
C ASP A 66 -9.78 9.05 -9.77
N LEU A 67 -10.53 8.00 -9.45
CA LEU A 67 -10.28 6.72 -10.11
C LEU A 67 -10.59 6.82 -11.60
N ASP A 68 -11.70 7.47 -11.96
CA ASP A 68 -12.08 7.59 -13.37
C ASP A 68 -10.99 8.29 -14.17
N LEU A 69 -10.40 9.35 -13.60
CA LEU A 69 -9.32 10.04 -14.29
C LEU A 69 -8.13 9.11 -14.51
N GLY A 70 -7.76 8.40 -13.45
CA GLY A 70 -6.64 7.48 -13.56
C GLY A 70 -6.86 6.42 -14.62
N CYS A 71 -8.04 5.85 -14.69
CA CYS A 71 -8.33 4.85 -15.73
C CYS A 71 -8.42 5.47 -17.11
N ASP A 72 -9.05 6.66 -17.25
CA ASP A 72 -9.23 7.27 -18.56
C ASP A 72 -7.90 7.62 -19.20
N ILE A 73 -6.89 8.02 -18.40
CA ILE A 73 -5.59 8.38 -18.96
C ILE A 73 -5.03 7.23 -19.76
N PHE A 74 -5.07 6.02 -19.21
CA PHE A 74 -4.49 4.88 -19.89
C PHE A 74 -5.30 4.52 -21.14
N GLY A 75 -6.62 4.57 -21.06
CA GLY A 75 -7.41 4.26 -22.25
C GLY A 75 -7.16 5.25 -23.36
N TRP A 76 -7.05 6.53 -23.02
CA TRP A 76 -6.72 7.53 -24.00
C TRP A 76 -5.36 7.24 -24.59
N PHE A 77 -4.39 6.85 -23.74
CA PHE A 77 -3.05 6.53 -24.25
C PHE A 77 -3.11 5.43 -25.31
N PHE A 78 -3.87 4.36 -25.06
CA PHE A 78 -3.95 3.29 -26.06
C PHE A 78 -4.43 3.85 -27.40
N ALA A 79 -5.47 4.70 -27.38
CA ALA A 79 -6.01 5.23 -28.62
C ALA A 79 -5.07 6.23 -29.28
N TYR A 80 -4.42 7.08 -28.46
CA TYR A 80 -3.54 8.10 -29.03
C TYR A 80 -2.31 7.45 -29.63
N ASP A 81 -1.75 6.50 -28.89
N ASP A 81 -1.73 6.53 -28.86
CA ASP A 81 -0.63 5.75 -29.44
CA ASP A 81 -0.52 5.83 -29.27
C ASP A 81 -1.03 5.06 -30.74
C ASP A 81 -0.76 4.96 -30.49
N ASP A 82 -2.10 4.26 -30.70
N ASP A 82 -1.96 4.40 -30.63
CA ASP A 82 -2.50 3.54 -31.91
CA ASP A 82 -2.24 3.56 -31.79
C ASP A 82 -2.56 4.48 -33.09
C ASP A 82 -2.66 4.41 -33.01
N HIS A 83 -2.97 5.72 -32.83
CA HIS A 83 -3.21 6.64 -33.91
C HIS A 83 -1.97 6.86 -34.76
N PHE A 84 -0.79 6.80 -34.15
CA PHE A 84 0.43 7.10 -34.89
C PHE A 84 1.07 5.86 -35.53
N ASP A 85 0.55 4.66 -35.28
CA ASP A 85 1.10 3.45 -35.86
C ASP A 85 0.34 3.07 -37.12
N PRO A 92 5.83 13.47 -41.11
CA PRO A 92 6.14 14.37 -39.99
C PRO A 92 5.35 15.68 -40.06
N ARG A 93 4.97 16.09 -41.27
CA ARG A 93 4.16 17.30 -41.43
C ARG A 93 2.75 17.09 -40.90
N GLN A 94 2.13 15.96 -41.25
CA GLN A 94 0.80 15.64 -40.72
C GLN A 94 0.86 15.36 -39.23
N THR A 95 1.89 14.62 -38.78
CA THR A 95 2.09 14.37 -37.37
C THR A 95 2.22 15.68 -36.59
N ALA A 96 3.00 16.62 -37.12
CA ALA A 96 3.21 17.89 -36.42
C ALA A 96 1.91 18.66 -36.31
N ALA A 97 1.15 18.71 -37.40
CA ALA A 97 -0.09 19.46 -37.37
C ALA A 97 -1.02 18.91 -36.30
N PHE A 98 -1.10 17.58 -36.20
CA PHE A 98 -1.98 16.94 -35.23
C PHE A 98 -1.44 17.13 -33.82
N VAL A 99 -0.15 16.86 -33.60
CA VAL A 99 0.38 16.92 -32.24
C VAL A 99 0.33 18.34 -31.71
N ASN A 100 0.55 19.33 -32.58
CA ASN A 100 0.48 20.70 -32.13
C ASN A 100 -0.91 21.07 -31.64
N ARG A 101 -1.96 20.44 -32.20
CA ARG A 101 -3.29 20.68 -31.65
C ARG A 101 -3.43 20.03 -30.28
N THR A 102 -2.81 18.86 -30.08
CA THR A 102 -2.89 18.25 -28.76
C THR A 102 -2.21 19.15 -27.74
N VAL A 103 -1.03 19.67 -28.07
CA VAL A 103 -0.31 20.55 -27.14
C VAL A 103 -1.11 21.82 -26.87
N ALA A 104 -1.79 22.34 -27.88
CA ALA A 104 -2.59 23.53 -27.69
C ALA A 104 -3.69 23.33 -26.65
N MET A 105 -4.10 22.08 -26.41
CA MET A 105 -5.18 21.84 -25.45
C MET A 105 -4.71 22.02 -24.01
N LEU A 106 -3.40 22.20 -23.79
CA LEU A 106 -2.87 22.47 -22.45
C LEU A 106 -3.12 23.89 -22.00
N ASP A 107 -3.39 24.77 -22.93
CA ASP A 107 -3.57 26.17 -22.63
C ASP A 107 -4.95 26.37 -22.00
N PRO A 108 -5.04 27.07 -20.87
CA PRO A 108 -6.37 27.30 -20.24
C PRO A 108 -7.39 27.94 -21.16
N ARG A 109 -6.97 28.63 -22.22
CA ARG A 109 -7.91 29.31 -23.07
C ARG A 109 -8.36 28.46 -24.26
N ALA A 110 -7.87 27.24 -24.35
CA ALA A 110 -8.19 26.40 -25.49
C ALA A 110 -9.68 26.15 -25.61
N ASP A 111 -10.16 26.12 -26.84
CA ASP A 111 -11.52 25.70 -27.15
C ASP A 111 -11.43 24.34 -27.87
N PRO A 112 -11.91 23.25 -27.29
CA PRO A 112 -11.77 21.95 -27.97
C PRO A 112 -12.77 21.76 -29.11
N THR A 113 -13.70 22.67 -29.26
CA THR A 113 -14.71 22.56 -30.30
C THR A 113 -14.08 22.40 -31.68
N GLY A 114 -14.55 21.39 -32.42
CA GLY A 114 -14.05 21.15 -33.74
C GLY A 114 -12.73 20.42 -33.82
N GLU A 115 -12.10 20.09 -32.68
CA GLU A 115 -10.84 19.38 -32.72
C GLU A 115 -11.09 17.90 -32.98
N HIS A 116 -10.03 17.20 -33.32
CA HIS A 116 -10.11 15.76 -33.44
C HIS A 116 -10.55 15.16 -32.10
N PRO A 117 -11.33 14.07 -32.12
CA PRO A 117 -11.75 13.42 -30.85
C PRO A 117 -10.61 13.12 -29.90
N LEU A 118 -9.45 12.69 -30.40
CA LEU A 118 -8.33 12.44 -29.51
C LEU A 118 -7.92 13.68 -28.77
N ASN A 119 -8.05 14.83 -29.41
CA ASN A 119 -7.62 16.08 -28.78
C ASN A 119 -8.70 16.65 -27.90
N ILE A 120 -9.97 16.45 -28.28
CA ILE A 120 -11.05 16.80 -27.37
C ILE A 120 -10.92 16.00 -26.08
N ALA A 121 -10.61 14.70 -26.21
CA ALA A 121 -10.47 13.85 -25.05
C ALA A 121 -9.28 14.27 -24.19
N PHE A 122 -8.17 14.61 -24.83
CA PHE A 122 -7.01 15.04 -24.04
C PHE A 122 -7.33 16.33 -23.30
N HIS A 123 -8.06 17.24 -23.95
CA HIS A 123 -8.46 18.48 -23.29
C HIS A 123 -9.28 18.20 -22.05
N ASP A 124 -10.18 17.21 -22.14
CA ASP A 124 -10.99 16.81 -20.99
C ASP A 124 -10.13 16.24 -19.86
N LEU A 125 -9.19 15.35 -20.22
CA LEU A 125 -8.27 14.73 -19.24
C LEU A 125 -7.48 15.80 -18.51
N TRP A 126 -6.93 16.75 -19.27
CA TRP A 126 -6.06 17.76 -18.68
C TRP A 126 -6.84 18.69 -17.76
N GLN A 127 -8.07 19.05 -18.15
CA GLN A 127 -8.86 19.92 -17.26
C GLN A 127 -9.07 19.22 -15.92
N ARG A 128 -9.39 17.93 -15.95
CA ARG A 128 -9.65 17.17 -14.73
C ARG A 128 -8.35 16.92 -13.97
N GLU A 129 -7.25 16.71 -14.68
CA GLU A 129 -5.99 16.39 -13.99
C GLU A 129 -5.43 17.63 -13.31
N SER A 130 -5.55 18.77 -13.96
CA SER A 130 -4.84 19.93 -13.47
C SER A 130 -5.62 20.72 -12.43
N ALA A 131 -6.93 20.56 -12.38
CA ALA A 131 -7.75 21.53 -11.65
C ALA A 131 -7.38 21.66 -10.17
N PRO A 132 -7.11 20.58 -9.42
CA PRO A 132 -6.79 20.71 -8.00
C PRO A 132 -5.32 20.88 -7.68
N MET A 133 -4.44 20.98 -8.68
CA MET A 133 -3.01 20.95 -8.47
C MET A 133 -2.43 22.36 -8.39
N SER A 134 -1.27 22.47 -7.74
CA SER A 134 -0.61 23.75 -7.56
C SER A 134 -0.07 24.27 -8.87
N PRO A 135 0.11 25.60 -8.98
CA PRO A 135 0.77 26.15 -10.18
C PRO A 135 2.13 25.56 -10.45
N LEU A 136 2.88 25.22 -9.41
CA LEU A 136 4.19 24.61 -9.62
C LEU A 136 4.05 23.23 -10.28
N TRP A 137 3.09 22.45 -9.81
CA TRP A 137 2.89 21.13 -10.42
C TRP A 137 2.43 21.31 -11.85
N GLN A 138 1.55 22.30 -12.08
CA GLN A 138 1.00 22.49 -13.43
C GLN A 138 2.10 22.88 -14.42
N ARG A 139 3.08 23.70 -14.01
CA ARG A 139 4.15 24.07 -14.93
C ARG A 139 4.97 22.87 -15.37
N ARG A 140 5.33 22.00 -14.42
CA ARG A 140 6.14 20.85 -14.82
C ARG A 140 5.27 19.81 -15.52
N ALA A 141 3.98 19.76 -15.22
CA ALA A 141 3.13 18.80 -15.91
C ALA A 141 2.91 19.18 -17.37
N VAL A 142 2.81 20.49 -17.64
CA VAL A 142 2.71 20.97 -19.01
C VAL A 142 3.98 20.64 -19.76
N ASP A 143 5.14 20.85 -19.14
CA ASP A 143 6.40 20.49 -19.78
C ASP A 143 6.47 18.99 -20.11
N HIS A 144 6.15 18.13 -19.16
CA HIS A 144 6.25 16.69 -19.38
C HIS A 144 5.26 16.24 -20.46
N TRP A 145 4.02 16.75 -20.45
CA TRP A 145 3.08 16.41 -21.51
C TRP A 145 3.60 16.86 -22.85
N THR A 146 4.16 18.07 -22.89
CA THR A 146 4.58 18.64 -24.16
C THR A 146 5.72 17.80 -24.73
N GLN A 147 6.63 17.34 -23.87
CA GLN A 147 7.72 16.51 -24.35
C GLN A 147 7.22 15.18 -24.90
N TYR A 148 6.31 14.53 -24.17
CA TYR A 148 5.75 13.26 -24.64
C TYR A 148 5.03 13.45 -25.96
N LEU A 149 4.23 14.51 -26.08
CA LEU A 149 3.43 14.72 -27.28
C LEU A 149 4.35 15.02 -28.47
N THR A 150 5.26 15.98 -28.30
CA THR A 150 6.06 16.37 -29.45
C THR A 150 7.05 15.29 -29.87
N ALA A 151 7.35 14.34 -28.99
CA ALA A 151 8.26 13.25 -29.37
C ALA A 151 7.72 12.40 -30.53
N HIS A 152 6.39 12.39 -30.72
CA HIS A 152 5.81 11.72 -31.89
C HIS A 152 6.25 12.38 -33.19
N ILE A 153 6.49 13.68 -33.16
CA ILE A 153 7.02 14.37 -34.34
C ILE A 153 8.43 13.88 -34.63
N THR A 154 9.25 13.82 -33.58
CA THR A 154 10.63 13.35 -33.72
C THR A 154 10.66 11.92 -34.24
N GLU A 155 9.80 11.06 -33.69
CA GLU A 155 9.72 9.69 -34.17
C GLU A 155 9.40 9.63 -35.66
N ALA A 156 8.50 10.50 -36.12
CA ALA A 156 8.15 10.49 -37.54
C ALA A 156 9.33 10.93 -38.41
N THR A 157 10.10 11.92 -37.96
CA THR A 157 11.29 12.30 -38.70
C THR A 157 12.31 11.18 -38.76
N ASN A 158 12.58 10.55 -37.62
CA ASN A 158 13.42 9.36 -37.62
C ASN A 158 12.68 8.24 -38.33
N PRO A 165 18.39 3.76 -33.21
CA PRO A 165 19.07 4.34 -32.05
C PRO A 165 20.02 3.37 -31.37
N THR A 166 21.05 3.89 -30.73
CA THR A 166 21.84 3.06 -29.83
C THR A 166 21.02 2.70 -28.59
N ILE A 167 21.54 1.74 -27.80
CA ILE A 167 20.92 1.43 -26.51
C ILE A 167 20.85 2.68 -25.66
N ALA A 168 21.97 3.42 -25.61
CA ALA A 168 22.02 4.61 -24.75
C ALA A 168 21.03 5.66 -25.21
N ASP A 169 20.93 5.90 -26.52
CA ASP A 169 19.96 6.85 -27.06
C ASP A 169 18.54 6.43 -26.74
N TYR A 170 18.23 5.14 -26.95
CA TYR A 170 16.87 4.67 -26.69
C TYR A 170 16.50 4.90 -25.25
N LEU A 171 17.38 4.51 -24.34
CA LEU A 171 17.06 4.66 -22.94
C LEU A 171 16.84 6.11 -22.60
N GLU A 172 17.70 6.98 -23.10
CA GLU A 172 17.55 8.41 -22.83
C GLU A 172 16.23 8.93 -23.38
N LEU A 173 15.90 8.58 -24.62
CA LEU A 173 14.66 9.05 -25.23
C LEU A 173 13.44 8.58 -24.43
N ARG A 174 13.41 7.31 -24.01
CA ARG A 174 12.25 6.83 -23.26
C ARG A 174 12.08 7.58 -21.95
N HIS A 175 13.18 7.84 -21.22
CA HIS A 175 12.93 8.38 -19.89
C HIS A 175 12.72 9.89 -19.92
N ARG A 176 13.29 10.58 -20.89
CA ARG A 176 13.19 12.04 -20.99
C ARG A 176 12.01 12.52 -21.83
N THR A 177 11.49 11.70 -22.76
CA THR A 177 10.41 12.19 -23.61
C THR A 177 9.30 11.18 -23.80
N GLY A 178 9.30 10.08 -23.10
CA GLY A 178 8.23 9.11 -23.23
C GLY A 178 7.03 9.46 -22.36
N PHE A 179 6.16 8.45 -22.18
CA PHE A 179 4.90 8.56 -21.42
C PHE A 179 5.08 8.49 -19.89
N MET A 180 6.22 8.05 -19.38
CA MET A 180 6.34 7.95 -17.93
C MET A 180 6.39 9.34 -17.27
N PRO A 181 7.05 10.36 -17.79
CA PRO A 181 7.04 11.63 -17.03
C PRO A 181 5.63 12.17 -16.77
N PRO A 182 4.73 12.15 -17.77
CA PRO A 182 3.34 12.49 -17.42
C PRO A 182 2.68 11.54 -16.43
N LEU A 183 2.91 10.24 -16.54
CA LEU A 183 2.31 9.31 -15.59
C LEU A 183 2.82 9.55 -14.18
N LEU A 184 4.08 9.95 -14.02
CA LEU A 184 4.59 10.24 -12.67
C LEU A 184 3.89 11.45 -12.06
N ASP A 185 3.62 12.48 -12.89
CA ASP A 185 2.85 13.64 -12.42
C ASP A 185 1.44 13.23 -12.10
N LEU A 186 0.88 12.29 -12.89
CA LEU A 186 -0.50 11.84 -12.63
C LEU A 186 -0.63 11.13 -11.29
N ILE A 187 0.40 10.41 -10.87
CA ILE A 187 0.36 9.76 -9.55
C ILE A 187 0.03 10.78 -8.48
N GLU A 188 0.71 11.92 -8.48
CA GLU A 188 0.43 12.97 -7.49
C GLU A 188 -1.03 13.43 -7.54
N ARG A 189 -1.58 13.59 -8.75
CA ARG A 189 -2.96 14.02 -8.88
C ARG A 189 -3.95 12.97 -8.37
N VAL A 190 -3.79 11.72 -8.82
CA VAL A 190 -4.83 10.73 -8.50
C VAL A 190 -4.81 10.41 -7.00
N TRP A 191 -3.62 10.36 -6.39
CA TRP A 191 -3.49 10.12 -4.96
C TRP A 191 -3.74 11.39 -4.16
N ARG A 192 -3.91 12.53 -4.82
CA ARG A 192 -4.01 13.82 -4.15
C ARG A 192 -2.88 14.01 -3.14
N ALA A 193 -1.66 13.95 -3.66
CA ALA A 193 -0.45 13.93 -2.81
C ALA A 193 0.67 14.53 -3.66
N GLU A 194 0.72 15.84 -3.68
CA GLU A 194 1.80 16.54 -4.39
C GLU A 194 3.12 16.40 -3.62
N ILE A 195 4.18 16.08 -4.34
CA ILE A 195 5.51 16.02 -3.74
C ILE A 195 5.94 17.43 -3.35
N PRO A 196 6.36 17.66 -2.10
CA PRO A 196 6.76 19.00 -1.68
C PRO A 196 7.84 19.55 -2.57
N ALA A 197 7.67 20.81 -2.94
CA ALA A 197 8.59 21.42 -3.90
C ALA A 197 10.05 21.31 -3.48
N PRO A 198 10.42 21.54 -2.21
CA PRO A 198 11.83 21.49 -1.84
C PRO A 198 12.43 20.12 -1.92
N VAL A 199 11.65 19.05 -1.91
CA VAL A 199 12.24 17.73 -2.00
C VAL A 199 12.18 17.17 -3.43
N TYR A 200 11.35 17.76 -4.30
CA TYR A 200 11.14 17.19 -5.64
C TYR A 200 12.44 17.11 -6.42
N THR A 201 13.30 18.12 -6.27
CA THR A 201 14.55 18.21 -7.03
C THR A 201 15.75 17.56 -6.37
N THR A 202 15.59 16.99 -5.19
CA THR A 202 16.71 16.32 -4.53
C THR A 202 17.15 15.09 -5.32
N PRO A 203 18.42 14.72 -5.22
CA PRO A 203 18.88 13.50 -5.88
C PRO A 203 18.09 12.29 -5.47
N GLU A 204 17.70 12.20 -4.20
CA GLU A 204 16.93 11.03 -3.75
C GLU A 204 15.60 10.91 -4.48
N VAL A 205 14.79 11.98 -4.51
CA VAL A 205 13.49 11.89 -5.17
C VAL A 205 13.66 11.76 -6.67
N GLN A 206 14.64 12.44 -7.24
CA GLN A 206 14.89 12.29 -8.67
C GLN A 206 15.30 10.88 -9.01
N THR A 207 16.07 10.22 -8.13
CA THR A 207 16.38 8.81 -8.35
C THR A 207 15.12 7.94 -8.30
N LEU A 208 14.22 8.15 -7.31
CA LEU A 208 12.99 7.37 -7.27
C LEU A 208 12.17 7.55 -8.55
N LEU A 209 12.05 8.78 -9.01
CA LEU A 209 11.30 9.05 -10.24
C LEU A 209 11.96 8.36 -11.43
N HIS A 210 13.28 8.46 -11.54
CA HIS A 210 14.02 7.90 -12.68
C HIS A 210 13.93 6.37 -12.71
N THR A 211 14.09 5.73 -11.55
CA THR A 211 14.03 4.26 -11.50
C THR A 211 12.63 3.76 -11.73
N THR A 212 11.60 4.48 -11.24
CA THR A 212 10.23 4.12 -11.57
C THR A 212 10.01 4.22 -13.07
N ASN A 213 10.46 5.34 -13.65
CA ASN A 213 10.37 5.62 -15.09
C ASN A 213 10.93 4.45 -15.91
N GLN A 214 12.19 4.11 -15.66
CA GLN A 214 12.86 3.12 -16.50
C GLN A 214 12.36 1.71 -16.25
N ASN A 215 12.11 1.37 -14.99
CA ASN A 215 11.57 0.04 -14.67
C ASN A 215 10.29 -0.21 -15.43
N ILE A 216 9.36 0.73 -15.38
CA ILE A 216 8.08 0.51 -16.05
C ILE A 216 8.24 0.47 -17.56
N ASN A 217 9.06 1.37 -18.12
CA ASN A 217 9.35 1.34 -19.56
C ASN A 217 9.85 -0.04 -20.01
N ILE A 218 10.83 -0.61 -19.30
CA ILE A 218 11.49 -1.82 -19.77
C ILE A 218 10.72 -3.05 -19.39
N VAL A 219 9.99 -3.05 -18.27
CA VAL A 219 9.08 -4.17 -18.02
C VAL A 219 8.03 -4.20 -19.10
N ASN A 220 7.53 -3.03 -19.50
CA ASN A 220 6.57 -3.07 -20.62
C ASN A 220 7.26 -3.55 -21.90
N ASP A 221 8.48 -3.09 -22.19
CA ASP A 221 9.15 -3.59 -23.40
C ASP A 221 9.26 -5.12 -23.39
N VAL A 222 9.63 -5.73 -22.27
CA VAL A 222 9.77 -7.19 -22.24
C VAL A 222 8.41 -7.86 -22.45
N LEU A 223 7.38 -7.35 -21.78
CA LEU A 223 6.09 -8.02 -21.78
C LEU A 223 5.22 -7.64 -22.98
N SER A 224 5.54 -6.59 -23.71
CA SER A 224 4.83 -6.28 -24.96
C SER A 224 5.69 -6.60 -26.19
N LEU A 225 6.81 -7.30 -26.00
CA LEU A 225 7.73 -7.53 -27.12
C LEU A 225 7.06 -8.28 -28.28
N GLU A 226 6.38 -9.38 -27.97
CA GLU A 226 5.84 -10.20 -29.05
C GLU A 226 4.81 -9.41 -29.85
N LYS A 227 3.96 -8.65 -29.15
CA LYS A 227 3.00 -7.78 -29.84
C LYS A 227 3.71 -6.80 -30.76
N GLU A 228 4.76 -6.14 -30.26
CA GLU A 228 5.40 -5.13 -31.06
C GLU A 228 6.12 -5.74 -32.25
N GLU A 229 6.74 -6.91 -32.07
CA GLU A 229 7.33 -7.62 -33.21
C GLU A 229 6.27 -7.94 -34.26
N ALA A 230 5.14 -8.48 -33.83
CA ALA A 230 4.07 -8.85 -34.75
C ALA A 230 3.57 -7.64 -35.55
N HIS A 231 3.69 -6.44 -34.99
CA HIS A 231 3.22 -5.23 -35.65
C HIS A 231 4.33 -4.47 -36.34
N GLY A 232 5.55 -4.98 -36.34
CA GLY A 232 6.62 -4.28 -37.00
C GLY A 232 7.05 -3.03 -36.26
N ASP A 233 6.80 -3.00 -34.96
CA ASP A 233 7.08 -1.83 -34.12
C ASP A 233 8.49 -1.95 -33.55
N PRO A 234 9.41 -1.06 -33.91
CA PRO A 234 10.82 -1.22 -33.50
C PRO A 234 11.20 -0.59 -32.17
N HIS A 235 10.24 0.02 -31.46
CA HIS A 235 10.56 0.85 -30.30
C HIS A 235 10.45 -0.04 -29.06
N ASN A 236 11.52 -0.82 -28.84
CA ASN A 236 11.54 -1.82 -27.79
C ASN A 236 13.00 -2.11 -27.48
N LEU A 237 13.36 -1.99 -26.20
CA LEU A 237 14.77 -2.13 -25.82
C LEU A 237 15.34 -3.47 -26.26
N VAL A 238 14.55 -4.55 -26.17
CA VAL A 238 15.09 -5.85 -26.53
C VAL A 238 15.52 -5.86 -28.00
N LEU A 239 14.70 -5.29 -28.88
CA LEU A 239 15.05 -5.24 -30.29
C LEU A 239 16.25 -4.31 -30.51
N VAL A 240 16.30 -3.21 -29.76
CA VAL A 240 17.40 -2.25 -29.89
C VAL A 240 18.71 -2.91 -29.47
N ILE A 241 18.71 -3.60 -28.31
CA ILE A 241 19.92 -4.34 -27.90
C ILE A 241 20.35 -5.30 -28.97
N GLN A 242 19.44 -6.16 -29.45
CA GLN A 242 19.85 -7.15 -30.46
C GLN A 242 20.45 -6.48 -31.67
N HIS A 243 19.83 -5.40 -32.16
CA HIS A 243 20.33 -4.74 -33.35
C HIS A 243 21.71 -4.16 -33.11
N GLU A 244 21.94 -3.56 -31.94
CA GLU A 244 23.21 -2.88 -31.69
C GLU A 244 24.32 -3.89 -31.48
N ARG A 245 24.03 -4.96 -30.74
CA ARG A 245 25.03 -5.92 -30.33
C ARG A 245 25.05 -7.19 -31.16
N GLN A 246 24.12 -7.36 -32.11
CA GLN A 246 23.97 -8.62 -32.83
C GLN A 246 23.85 -9.79 -31.86
N SER A 247 23.11 -9.59 -30.80
CA SER A 247 22.98 -10.60 -29.77
C SER A 247 21.72 -11.40 -29.98
N THR A 248 21.66 -12.55 -29.30
CA THR A 248 20.46 -13.35 -29.45
C THR A 248 19.29 -12.77 -28.64
N ARG A 249 18.12 -13.35 -28.88
CA ARG A 249 16.92 -12.95 -28.16
C ARG A 249 17.08 -13.19 -26.66
N GLN A 250 17.61 -14.35 -26.28
CA GLN A 250 17.83 -14.64 -24.87
C GLN A 250 18.87 -13.70 -24.27
N GLN A 251 19.94 -13.43 -25.01
CA GLN A 251 20.95 -12.51 -24.50
C GLN A 251 20.33 -11.14 -24.21
N ALA A 252 19.52 -10.65 -25.15
CA ALA A 252 18.92 -9.32 -24.99
C ALA A 252 17.89 -9.29 -23.86
N LEU A 253 17.06 -10.32 -23.76
CA LEU A 253 16.13 -10.42 -22.64
C LEU A 253 16.88 -10.49 -21.31
N ALA A 254 18.01 -11.19 -21.25
CA ALA A 254 18.78 -11.26 -20.01
C ALA A 254 19.38 -9.90 -19.67
N THR A 255 19.80 -9.16 -20.69
CA THR A 255 20.27 -7.80 -20.44
C THR A 255 19.15 -6.93 -19.87
N ALA A 256 17.98 -6.97 -20.50
CA ALA A 256 16.84 -6.21 -19.99
C ALA A 256 16.53 -6.61 -18.54
N ARG A 257 16.61 -7.91 -18.24
CA ARG A 257 16.32 -8.40 -16.90
C ARG A 257 17.30 -7.80 -15.90
N ARG A 258 18.58 -7.76 -16.26
CA ARG A 258 19.56 -7.23 -15.32
C ARG A 258 19.28 -5.75 -15.08
N MET A 259 18.85 -5.05 -16.13
CA MET A 259 18.58 -3.62 -15.98
C MET A 259 17.37 -3.40 -15.08
N ILE A 260 16.31 -4.15 -15.33
CA ILE A 260 15.09 -4.06 -14.51
C ILE A 260 15.42 -4.31 -13.05
N ASP A 261 16.18 -5.36 -12.77
CA ASP A 261 16.52 -5.71 -11.39
C ASP A 261 17.35 -4.60 -10.74
N GLU A 262 18.26 -3.98 -11.50
CA GLU A 262 19.09 -2.93 -10.91
C GLU A 262 18.25 -1.69 -10.59
N TRP A 263 17.30 -1.34 -11.44
CA TRP A 263 16.47 -0.18 -11.14
C TRP A 263 15.59 -0.46 -9.92
N THR A 264 15.05 -1.69 -9.81
CA THR A 264 14.24 -2.08 -8.67
C THR A 264 15.07 -1.98 -7.39
N ASP A 265 16.29 -2.51 -7.43
CA ASP A 265 17.17 -2.44 -6.27
C ASP A 265 17.48 -1.00 -5.89
N THR A 266 17.74 -0.14 -6.89
CA THR A 266 18.05 1.23 -6.60
C THR A 266 16.86 1.92 -5.95
N PHE A 267 15.65 1.62 -6.44
CA PHE A 267 14.46 2.22 -5.85
C PHE A 267 14.35 1.88 -4.36
N ILE A 268 14.42 0.57 -4.03
CA ILE A 268 14.14 0.18 -2.66
C ILE A 268 15.28 0.56 -1.69
N ARG A 269 16.51 0.72 -2.19
CA ARG A 269 17.63 1.19 -1.36
C ARG A 269 17.56 2.70 -1.13
N THR A 270 16.83 3.42 -1.97
CA THR A 270 16.78 4.89 -1.90
C THR A 270 15.65 5.38 -1.01
N GLU A 271 14.51 4.70 -1.06
CA GLU A 271 13.35 5.12 -0.27
C GLU A 271 13.64 5.34 1.21
N PRO A 272 14.45 4.52 1.89
CA PRO A 272 14.71 4.70 3.32
C PRO A 272 15.42 5.99 3.66
N ARG A 273 16.02 6.68 2.69
CA ARG A 273 16.66 7.97 2.93
CA ARG A 273 16.66 7.97 2.94
C ARG A 273 15.68 9.12 3.10
N LEU A 274 14.42 8.95 2.74
CA LEU A 274 13.53 10.10 2.63
C LEU A 274 13.20 10.78 3.95
N PRO A 275 12.91 10.05 5.03
CA PRO A 275 12.59 10.74 6.29
C PRO A 275 13.71 11.64 6.78
N ALA A 276 14.94 11.12 6.79
CA ALA A 276 16.07 11.94 7.24
C ALA A 276 16.27 13.14 6.32
N LEU A 277 16.07 12.96 5.01
CA LEU A 277 16.18 14.08 4.06
C LEU A 277 15.16 15.15 4.37
N CYS A 278 13.93 14.73 4.62
CA CYS A 278 12.88 15.66 4.98
C CYS A 278 13.24 16.42 6.25
N GLY A 279 13.88 15.74 7.19
CA GLY A 279 14.31 16.40 8.42
C GLY A 279 15.35 17.47 8.14
N ARG A 280 16.36 17.12 7.34
CA ARG A 280 17.39 18.09 7.02
C ARG A 280 16.81 19.29 6.28
N LEU A 281 15.78 19.08 5.46
CA LEU A 281 15.18 20.19 4.73
C LEU A 281 14.10 20.92 5.51
N GLY A 282 13.79 20.50 6.74
CA GLY A 282 12.76 21.17 7.52
C GLY A 282 11.33 21.04 7.05
N ILE A 283 10.98 19.93 6.39
CA ILE A 283 9.65 19.69 5.82
C ILE A 283 8.66 19.37 6.94
N PRO A 284 7.56 20.11 7.07
CA PRO A 284 6.54 19.74 8.09
C PRO A 284 6.04 18.30 7.91
N LEU A 285 5.64 17.69 9.03
CA LEU A 285 5.27 16.28 8.97
C LEU A 285 4.11 16.02 8.00
N ALA A 286 3.11 16.92 7.94
CA ALA A 286 2.00 16.70 7.01
C ALA A 286 2.48 16.68 5.56
N ASP A 287 3.43 17.55 5.23
CA ASP A 287 3.99 17.54 3.89
C ASP A 287 4.78 16.27 3.62
N ARG A 288 5.46 15.73 4.63
CA ARG A 288 6.16 14.47 4.44
C ARG A 288 5.18 13.36 4.05
N THR A 289 4.01 13.34 4.70
CA THR A 289 3.05 12.26 4.38
C THR A 289 2.58 12.37 2.94
N SER A 290 2.57 13.58 2.37
CA SER A 290 2.31 13.70 0.93
CA SER A 290 2.31 13.70 0.93
C SER A 290 3.39 13.01 0.12
N LEU A 291 4.64 13.26 0.46
CA LEU A 291 5.74 12.60 -0.21
C LEU A 291 5.63 11.09 -0.11
N TYR A 292 5.41 10.57 1.11
CA TYR A 292 5.31 9.12 1.31
C TYR A 292 4.16 8.54 0.50
N THR A 293 3.09 9.30 0.35
CA THR A 293 1.95 8.84 -0.45
C THR A 293 2.31 8.76 -1.93
N ALA A 294 2.98 9.78 -2.47
CA ALA A 294 3.40 9.72 -3.86
C ALA A 294 4.35 8.57 -4.11
N VAL A 295 5.22 8.30 -3.12
CA VAL A 295 6.18 7.21 -3.25
C VAL A 295 5.46 5.87 -3.21
N GLU A 296 4.41 5.72 -2.34
CA GLU A 296 3.55 4.54 -2.40
C GLU A 296 2.89 4.41 -3.76
N GLY A 297 2.47 5.53 -4.38
CA GLY A 297 1.98 5.50 -5.75
C GLY A 297 2.99 4.98 -6.75
N MET A 298 4.27 5.35 -6.56
CA MET A 298 5.32 4.79 -7.42
C MET A 298 5.46 3.28 -7.23
N ARG A 299 5.42 2.78 -5.98
CA ARG A 299 5.46 1.35 -5.73
C ARG A 299 4.29 0.66 -6.42
N ALA A 300 3.07 1.21 -6.24
CA ALA A 300 1.91 0.63 -6.88
C ALA A 300 2.00 0.64 -8.41
N ALA A 301 2.60 1.69 -8.97
CA ALA A 301 2.77 1.77 -10.41
C ALA A 301 3.73 0.73 -10.92
N ILE A 302 4.86 0.54 -10.21
CA ILE A 302 5.86 -0.41 -10.66
C ILE A 302 5.23 -1.80 -10.70
N ARG A 303 4.56 -2.17 -9.60
CA ARG A 303 3.96 -3.48 -9.48
C ARG A 303 2.74 -3.59 -10.37
N GLY A 304 1.96 -2.52 -10.46
CA GLY A 304 0.73 -2.58 -11.24
C GLY A 304 1.03 -2.73 -12.71
N ASN A 305 2.05 -2.03 -13.19
CA ASN A 305 2.53 -2.19 -14.54
C ASN A 305 2.93 -3.63 -14.80
N TYR A 306 3.71 -4.22 -13.90
CA TYR A 306 4.14 -5.61 -14.11
C TYR A 306 2.93 -6.55 -14.16
N ASP A 307 2.04 -6.43 -13.17
CA ASP A 307 0.93 -7.35 -13.10
C ASP A 307 0.01 -7.18 -14.28
N TRP A 308 -0.26 -5.93 -14.64
CA TRP A 308 -1.17 -5.71 -15.77
C TRP A 308 -0.54 -6.15 -17.10
N CYS A 309 0.73 -5.76 -17.36
CA CYS A 309 1.34 -6.19 -18.60
C CYS A 309 1.40 -7.71 -18.70
N ALA A 310 1.55 -8.39 -17.57
CA ALA A 310 1.60 -9.85 -17.58
C ALA A 310 0.24 -10.46 -17.91
N GLU A 311 -0.86 -9.84 -17.45
CA GLU A 311 -2.20 -10.44 -17.60
C GLU A 311 -2.99 -9.98 -18.83
N THR A 312 -2.65 -8.84 -19.44
CA THR A 312 -3.56 -8.24 -20.41
C THR A 312 -3.49 -8.96 -21.74
N ASN A 313 -4.67 -9.18 -22.32
CA ASN A 313 -4.82 -9.68 -23.69
CA ASN A 313 -4.68 -9.75 -23.66
C ASN A 313 -4.20 -8.75 -24.72
N ARG A 314 -4.02 -7.48 -24.40
CA ARG A 314 -3.44 -6.59 -25.38
C ARG A 314 -2.08 -7.12 -25.86
N TYR A 315 -1.35 -7.80 -24.98
CA TYR A 315 0.00 -8.32 -25.28
C TYR A 315 -0.08 -9.83 -25.51
N VAL A 317 -1.82 -12.22 -26.21
CA VAL A 317 -2.52 -12.81 -27.36
C VAL A 317 -1.49 -13.20 -28.44
N HIS A 318 -0.43 -12.40 -28.48
CA HIS A 318 0.70 -12.61 -29.39
C HIS A 318 1.76 -13.52 -28.75
N THR A 328 -8.21 -5.48 -32.71
CA THR A 328 -8.07 -4.02 -32.68
C THR A 328 -9.45 -3.34 -32.56
N PRO A 329 -9.64 -2.47 -31.57
CA PRO A 329 -10.91 -1.77 -31.44
C PRO A 329 -10.98 -0.41 -32.12
N TRP A 330 -9.97 0.00 -32.87
CA TRP A 330 -9.99 1.37 -33.36
C TRP A 330 -10.37 1.43 -34.83
N GLY B 4 -3.17 18.15 18.60
CA GLY B 4 -3.52 17.99 20.00
C GLY B 4 -2.97 16.71 20.61
N HIS B 5 -1.97 16.14 19.94
CA HIS B 5 -1.40 14.86 20.34
C HIS B 5 0.05 14.84 19.88
N GLU B 6 0.85 13.96 20.49
CA GLU B 6 2.22 13.79 20.01
C GLU B 6 2.20 13.28 18.57
N GLU B 7 3.07 13.85 17.75
CA GLU B 7 3.14 13.53 16.34
C GLU B 7 4.45 12.82 16.01
N PHE B 8 4.35 11.79 15.18
CA PHE B 8 5.51 11.00 14.78
C PHE B 8 5.55 10.91 13.26
N ASP B 9 6.78 10.79 12.75
CA ASP B 9 7.07 10.68 11.31
C ASP B 9 7.05 9.20 10.98
N ILE B 10 5.88 8.72 10.58
CA ILE B 10 5.68 7.32 10.19
C ILE B 10 5.61 7.32 8.66
N PRO B 11 6.60 6.76 7.96
CA PRO B 11 6.79 7.11 6.55
C PRO B 11 6.02 6.25 5.55
N PHE B 12 4.77 6.02 5.87
CA PHE B 12 3.80 5.35 5.01
C PHE B 12 2.54 6.21 4.93
N PRO B 13 1.77 6.08 3.84
CA PRO B 13 0.54 6.90 3.67
C PRO B 13 -0.52 6.46 4.65
N SER B 14 -1.39 7.38 5.00
CA SER B 14 -2.59 7.09 5.78
CA SER B 14 -2.59 7.09 5.77
C SER B 14 -3.63 6.48 4.85
N ARG B 15 -4.22 5.35 5.27
CA ARG B 15 -5.17 4.63 4.44
C ARG B 15 -6.25 4.03 5.30
N VAL B 16 -7.47 3.99 4.78
CA VAL B 16 -8.58 3.33 5.44
CA VAL B 16 -8.60 3.35 5.45
C VAL B 16 -9.35 2.52 4.42
N ASN B 17 -9.75 1.32 4.81
CA ASN B 17 -10.57 0.50 3.92
C ASN B 17 -11.79 1.26 3.42
N PRO B 18 -12.08 1.24 2.11
CA PRO B 18 -13.25 1.97 1.58
C PRO B 18 -14.54 1.53 2.23
N PHE B 19 -14.60 0.30 2.75
CA PHE B 19 -15.83 -0.24 3.32
C PHE B 19 -15.89 -0.09 4.84
N HIS B 20 -15.18 0.92 5.40
CA HIS B 20 -15.09 1.10 6.86
C HIS B 20 -16.47 1.30 7.51
N ALA B 21 -17.38 2.02 6.87
CA ALA B 21 -18.69 2.34 7.47
C ALA B 21 -19.51 1.08 7.66
N ARG B 22 -19.69 0.33 6.58
CA ARG B 22 -20.41 -0.92 6.70
C ARG B 22 -19.70 -1.89 7.63
N ALA B 23 -18.35 -1.85 7.66
CA ALA B 23 -17.62 -2.74 8.55
C ALA B 23 -17.95 -2.44 10.03
N GLU B 24 -18.10 -1.18 10.40
CA GLU B 24 -18.51 -0.84 11.74
C GLU B 24 -19.90 -1.44 12.08
N ASP B 25 -20.88 -1.31 11.16
CA ASP B 25 -22.20 -1.89 11.46
C ASP B 25 -22.08 -3.39 11.68
N ARG B 26 -21.31 -4.08 10.83
CA ARG B 26 -21.22 -5.55 10.94
C ARG B 26 -20.51 -5.91 12.22
N HIS B 27 -19.44 -5.17 12.55
CA HIS B 27 -18.68 -5.46 13.76
C HIS B 27 -19.50 -5.24 15.04
N VAL B 28 -20.24 -4.13 15.11
CA VAL B 28 -21.13 -3.89 16.25
C VAL B 28 -22.16 -4.98 16.35
N ALA B 29 -22.72 -5.40 15.21
CA ALA B 29 -23.69 -6.50 15.22
C ALA B 29 -23.08 -7.77 15.81
N TRP B 30 -21.80 -8.05 15.45
CA TRP B 30 -21.10 -9.21 16.02
C TRP B 30 -20.95 -9.05 17.53
N MET B 31 -20.50 -7.86 17.99
CA MET B 31 -20.35 -7.61 19.41
C MET B 31 -21.64 -7.80 20.16
N ARG B 32 -22.75 -7.37 19.57
CA ARG B 32 -24.04 -7.56 20.24
C ARG B 32 -24.45 -9.02 20.23
N ALA B 33 -24.25 -9.71 19.11
CA ALA B 33 -24.61 -11.12 19.01
C ALA B 33 -23.81 -11.96 20.00
N MET B 34 -22.57 -11.58 20.27
CA MET B 34 -21.71 -12.32 21.19
C MET B 34 -21.93 -11.89 22.63
N GLY B 35 -22.82 -10.94 22.89
CA GLY B 35 -23.07 -10.52 24.25
C GLY B 35 -22.00 -9.62 24.85
N LEU B 36 -21.16 -8.99 24.02
CA LEU B 36 -20.10 -8.15 24.53
C LEU B 36 -20.53 -6.68 24.61
N ILE B 37 -21.57 -6.32 23.85
CA ILE B 37 -22.20 -5.02 23.90
C ILE B 37 -23.66 -5.31 24.15
N THR B 38 -24.24 -4.69 25.19
CA THR B 38 -25.64 -4.87 25.53
C THR B 38 -26.31 -3.49 25.60
N GLY B 39 -27.23 -3.25 24.68
CA GLY B 39 -28.11 -2.11 24.79
C GLY B 39 -27.64 -0.95 23.92
N ASP B 40 -28.60 -0.04 23.64
CA ASP B 40 -28.30 1.03 22.70
C ASP B 40 -27.30 2.01 23.25
N ALA B 41 -27.41 2.36 24.54
CA ALA B 41 -26.47 3.31 25.11
C ALA B 41 -25.04 2.81 24.97
N ALA B 42 -24.81 1.55 25.32
CA ALA B 42 -23.46 0.99 25.21
C ALA B 42 -22.99 1.02 23.77
N GLU B 43 -23.87 0.66 22.83
CA GLU B 43 -23.49 0.63 21.45
C GLU B 43 -23.08 2.00 20.99
N ALA B 44 -23.85 3.03 21.37
CA ALA B 44 -23.53 4.39 20.92
C ALA B 44 -22.20 4.87 21.48
N THR B 45 -21.95 4.59 22.75
CA THR B 45 -20.66 4.91 23.36
C THR B 45 -19.54 4.21 22.62
N TYR B 46 -19.73 2.93 22.32
CA TYR B 46 -18.69 2.16 21.68
C TYR B 46 -18.38 2.69 20.29
N ARG B 47 -19.42 3.03 19.53
CA ARG B 47 -19.22 3.52 18.18
C ARG B 47 -18.43 4.81 18.18
N ARG B 48 -18.51 5.60 19.26
CA ARG B 48 -17.79 6.89 19.31
C ARG B 48 -16.29 6.70 19.25
N TRP B 49 -15.79 5.51 19.62
CA TRP B 49 -14.36 5.18 19.53
C TRP B 49 -13.88 4.92 18.10
N SER B 50 -14.79 4.80 17.14
CA SER B 50 -14.47 4.30 15.82
C SER B 50 -13.80 2.93 15.93
N PRO B 51 -14.43 1.97 16.62
CA PRO B 51 -13.72 0.76 17.02
C PRO B 51 -13.38 -0.16 15.87
N ALA B 52 -14.12 -0.11 14.77
CA ALA B 52 -13.77 -0.93 13.61
C ALA B 52 -12.82 -0.25 12.67
N LYS B 53 -12.50 1.03 12.95
CA LYS B 53 -11.62 1.78 12.08
C LYS B 53 -10.16 1.35 12.26
N VAL B 54 -9.79 0.83 13.43
CA VAL B 54 -8.43 0.33 13.58
C VAL B 54 -8.20 -0.86 12.65
N GLY B 55 -9.13 -1.84 12.63
CA GLY B 55 -9.06 -2.90 11.61
C GLY B 55 -9.13 -2.39 10.18
N ALA B 56 -9.97 -1.38 9.93
CA ALA B 56 -10.12 -0.85 8.57
C ALA B 56 -8.80 -0.21 8.10
N ARG B 57 -8.03 0.36 9.04
CA ARG B 57 -6.76 0.96 8.65
C ARG B 57 -5.65 -0.07 8.48
N TRP B 58 -5.58 -1.05 9.39
CA TRP B 58 -4.62 -2.13 9.24
C TRP B 58 -4.86 -2.88 7.96
N PHE B 59 -6.13 -3.13 7.62
CA PHE B 59 -6.48 -4.06 6.55
C PHE B 59 -7.25 -3.30 5.45
N TYR B 60 -6.53 -2.36 4.79
CA TYR B 60 -7.22 -1.36 3.98
C TYR B 60 -7.74 -1.89 2.66
N LEU B 61 -7.42 -3.16 2.27
CA LEU B 61 -7.97 -3.75 1.05
C LEU B 61 -8.74 -5.02 1.33
N ALA B 62 -8.88 -5.42 2.58
CA ALA B 62 -9.63 -6.63 2.86
C ALA B 62 -11.12 -6.41 2.57
N GLN B 63 -11.82 -7.50 2.24
CA GLN B 63 -13.25 -7.43 2.05
C GLN B 63 -13.93 -8.57 2.79
N GLY B 64 -15.23 -8.39 2.98
CA GLY B 64 -16.08 -9.48 3.39
C GLY B 64 -15.59 -10.07 4.68
N GLU B 65 -15.56 -11.41 4.75
CA GLU B 65 -15.23 -12.06 6.03
C GLU B 65 -13.81 -11.79 6.49
N ASP B 66 -12.88 -11.55 5.57
CA ASP B 66 -11.52 -11.20 5.96
C ASP B 66 -11.50 -9.87 6.71
N LEU B 67 -12.19 -8.87 6.17
CA LEU B 67 -12.29 -7.59 6.84
C LEU B 67 -13.00 -7.74 8.20
N ASP B 68 -14.10 -8.47 8.23
CA ASP B 68 -14.84 -8.65 9.48
C ASP B 68 -13.97 -9.29 10.57
N LEU B 69 -13.16 -10.29 10.20
CA LEU B 69 -12.27 -10.91 11.19
C LEU B 69 -11.27 -9.89 11.71
N GLY B 70 -10.68 -9.12 10.80
CA GLY B 70 -9.74 -8.13 11.24
C GLY B 70 -10.35 -7.11 12.19
N CYS B 71 -11.58 -6.63 11.89
CA CYS B 71 -12.25 -5.67 12.77
C CYS B 71 -12.64 -6.31 14.10
N ASP B 72 -13.15 -7.55 14.05
CA ASP B 72 -13.65 -8.19 15.26
C ASP B 72 -12.52 -8.46 16.27
N ILE B 73 -11.29 -8.77 15.81
CA ILE B 73 -10.21 -9.05 16.75
C ILE B 73 -10.00 -7.85 17.66
N PHE B 74 -9.94 -6.65 17.08
CA PHE B 74 -9.66 -5.48 17.89
C PHE B 74 -10.82 -5.19 18.85
N GLY B 75 -12.06 -5.30 18.39
CA GLY B 75 -13.17 -5.03 19.29
C GLY B 75 -13.18 -6.02 20.43
N TRP B 76 -12.90 -7.29 20.11
CA TRP B 76 -12.82 -8.30 21.16
C TRP B 76 -11.70 -7.94 22.13
N PHE B 77 -10.57 -7.44 21.62
CA PHE B 77 -9.49 -7.07 22.53
C PHE B 77 -9.95 -6.00 23.54
N PHE B 78 -10.65 -4.98 23.07
CA PHE B 78 -11.09 -3.93 23.97
C PHE B 78 -11.91 -4.52 25.09
N ALA B 79 -12.80 -5.44 24.76
CA ALA B 79 -13.67 -6.05 25.76
C ALA B 79 -12.89 -6.97 26.68
N TYR B 80 -11.97 -7.75 26.13
CA TYR B 80 -11.21 -8.71 26.95
C TYR B 80 -10.26 -7.97 27.86
N ASP B 81 -9.60 -6.97 27.31
CA ASP B 81 -8.66 -6.17 28.10
C ASP B 81 -9.37 -5.47 29.24
N ASP B 82 -10.53 -4.86 28.96
CA ASP B 82 -11.21 -4.13 30.03
CA ASP B 82 -11.18 -4.12 30.02
C ASP B 82 -11.78 -5.07 31.07
N HIS B 83 -11.98 -6.35 30.73
CA HIS B 83 -12.50 -7.33 31.70
C HIS B 83 -11.59 -7.49 32.91
N PHE B 84 -10.29 -7.29 32.75
CA PHE B 84 -9.38 -7.56 33.85
C PHE B 84 -9.22 -6.36 34.78
N ASP B 85 -9.95 -5.28 34.53
CA ASP B 85 -9.90 -4.10 35.37
C ASP B 85 -11.05 -4.17 36.38
N PRO B 92 -5.61 -13.36 41.31
CA PRO B 92 -4.89 -14.29 40.43
C PRO B 92 -5.57 -15.64 40.30
N ARG B 93 -6.28 -16.07 41.34
CA ARG B 93 -7.00 -17.35 41.27
C ARG B 93 -8.17 -17.26 40.30
N GLN B 94 -8.94 -16.19 40.41
CA GLN B 94 -10.05 -15.99 39.47
C GLN B 94 -9.52 -15.73 38.08
N THR B 95 -8.44 -14.93 37.97
CA THR B 95 -7.84 -14.66 36.66
C THR B 95 -7.37 -15.96 36.01
N ALA B 96 -6.71 -16.84 36.77
CA ALA B 96 -6.19 -18.05 36.17
C ALA B 96 -7.32 -18.91 35.65
N ALA B 97 -8.39 -19.04 36.43
CA ALA B 97 -9.53 -19.85 36.03
C ALA B 97 -10.13 -19.34 34.74
N PHE B 98 -10.28 -18.01 34.62
CA PHE B 98 -10.88 -17.43 33.42
C PHE B 98 -9.96 -17.58 32.22
N VAL B 99 -8.68 -17.20 32.39
CA VAL B 99 -7.73 -17.22 31.27
C VAL B 99 -7.52 -18.64 30.76
N ASN B 100 -7.51 -19.63 31.66
CA ASN B 100 -7.33 -21.01 31.23
C ASN B 100 -8.50 -21.46 30.37
N ARG B 101 -9.70 -20.91 30.59
CA ARG B 101 -10.80 -21.21 29.67
C ARG B 101 -10.55 -20.57 28.31
N THR B 102 -9.97 -19.37 28.28
CA THR B 102 -9.69 -18.75 27.00
C THR B 102 -8.67 -19.58 26.23
N VAL B 103 -7.63 -20.01 26.90
CA VAL B 103 -6.61 -20.85 26.27
C VAL B 103 -7.23 -22.17 25.78
N ALA B 104 -8.15 -22.72 26.55
CA ALA B 104 -8.79 -23.95 26.15
C ALA B 104 -9.53 -23.83 24.82
N MET B 105 -9.92 -22.61 24.42
CA MET B 105 -10.67 -22.44 23.19
C MET B 105 -9.77 -22.58 21.97
N LEU B 106 -8.45 -22.66 22.18
CA LEU B 106 -7.50 -22.89 21.10
C LEU B 106 -7.49 -24.34 20.64
N ASP B 107 -8.00 -25.25 21.47
CA ASP B 107 -7.95 -26.66 21.12
C ASP B 107 -8.89 -26.95 19.97
N PRO B 108 -8.44 -27.65 18.91
CA PRO B 108 -9.33 -27.92 17.76
C PRO B 108 -10.63 -28.59 18.16
N ARG B 109 -10.63 -29.28 19.28
CA ARG B 109 -11.84 -29.99 19.72
C ARG B 109 -12.65 -29.22 20.75
N ALA B 110 -12.32 -27.95 20.99
CA ALA B 110 -13.00 -27.17 22.01
C ALA B 110 -14.49 -27.07 21.75
N ASP B 111 -15.26 -27.11 22.84
CA ASP B 111 -16.70 -26.83 22.81
C ASP B 111 -16.97 -25.54 23.55
N PRO B 112 -17.44 -24.47 22.89
CA PRO B 112 -17.63 -23.21 23.59
C PRO B 112 -18.93 -23.16 24.39
N THR B 113 -19.75 -24.21 24.34
CA THR B 113 -21.03 -24.17 25.05
C THR B 113 -20.84 -23.91 26.54
N GLY B 114 -21.57 -22.93 27.06
CA GLY B 114 -21.50 -22.64 28.49
C GLY B 114 -20.33 -21.81 28.93
N GLU B 115 -19.43 -21.41 28.02
CA GLU B 115 -18.31 -20.59 28.45
C GLU B 115 -18.77 -19.15 28.61
N HIS B 116 -17.94 -18.37 29.29
CA HIS B 116 -18.18 -16.94 29.36
C HIS B 116 -18.24 -16.36 27.95
N PRO B 117 -19.10 -15.34 27.71
CA PRO B 117 -19.16 -14.71 26.37
C PRO B 117 -17.82 -14.30 25.75
N LEU B 118 -16.89 -13.77 26.54
CA LEU B 118 -15.59 -13.42 25.99
C LEU B 118 -14.87 -14.62 25.42
N ASN B 119 -15.08 -15.80 26.02
CA ASN B 119 -14.40 -17.00 25.58
C ASN B 119 -15.14 -17.66 24.44
N ILE B 120 -16.48 -17.55 24.40
CA ILE B 120 -17.22 -17.98 23.22
C ILE B 120 -16.81 -17.15 22.01
N ALA B 121 -16.64 -15.83 22.23
CA ALA B 121 -16.22 -14.95 21.14
C ALA B 121 -14.81 -15.26 20.67
N PHE B 122 -13.88 -15.48 21.61
CA PHE B 122 -12.52 -15.83 21.22
C PHE B 122 -12.51 -17.14 20.45
N HIS B 123 -13.33 -18.10 20.86
CA HIS B 123 -13.37 -19.35 20.12
C HIS B 123 -13.80 -19.11 18.67
N ASP B 124 -14.79 -18.23 18.46
CA ASP B 124 -15.22 -17.89 17.12
C ASP B 124 -14.10 -17.21 16.34
N LEU B 125 -13.41 -16.29 16.97
CA LEU B 125 -12.32 -15.60 16.30
C LEU B 125 -11.26 -16.59 15.87
N TRP B 126 -10.88 -17.49 16.77
CA TRP B 126 -9.77 -18.38 16.47
C TRP B 126 -10.16 -19.33 15.34
N GLN B 127 -11.40 -19.81 15.35
CA GLN B 127 -11.85 -20.71 14.29
C GLN B 127 -11.76 -20.02 12.94
N ARG B 128 -12.21 -18.77 12.87
CA ARG B 128 -12.16 -18.04 11.61
C ARG B 128 -10.71 -17.69 11.23
N GLU B 129 -9.87 -17.39 12.24
CA GLU B 129 -8.51 -16.97 11.94
C GLU B 129 -7.67 -18.15 11.50
N SER B 130 -7.83 -19.31 12.15
CA SER B 130 -6.88 -20.38 11.94
C SER B 130 -7.20 -21.28 10.75
N ALA B 131 -8.46 -21.32 10.33
CA ALA B 131 -8.91 -22.38 9.42
C ALA B 131 -8.14 -22.44 8.10
N PRO B 132 -7.82 -21.33 7.43
CA PRO B 132 -7.12 -21.39 6.14
C PRO B 132 -5.61 -21.41 6.21
N MET B 133 -5.02 -21.38 7.42
CA MET B 133 -3.58 -21.24 7.61
C MET B 133 -2.91 -22.62 7.78
N SER B 134 -1.60 -22.66 7.45
CA SER B 134 -0.85 -23.91 7.50
C SER B 134 -0.61 -24.36 8.93
N PRO B 135 -0.31 -25.64 9.12
CA PRO B 135 0.12 -26.13 10.43
C PRO B 135 1.29 -25.39 11.01
N LEU B 136 2.20 -24.88 10.18
CA LEU B 136 3.34 -24.12 10.72
C LEU B 136 2.87 -22.81 11.31
N TRP B 137 1.99 -22.11 10.60
CA TRP B 137 1.45 -20.87 11.15
C TRP B 137 0.64 -21.20 12.40
N GLN B 138 -0.10 -22.30 12.39
CA GLN B 138 -0.98 -22.53 13.54
C GLN B 138 -0.16 -22.80 14.80
N ARG B 139 0.96 -23.52 14.69
CA ARG B 139 1.77 -23.78 15.87
C ARG B 139 2.25 -22.49 16.53
N ARG B 140 2.79 -21.57 15.73
CA ARG B 140 3.30 -20.38 16.37
C ARG B 140 2.15 -19.48 16.80
N ALA B 141 1.03 -19.53 16.11
CA ALA B 141 -0.10 -18.69 16.48
C ALA B 141 -0.71 -19.13 17.80
N VAL B 142 -0.75 -20.45 18.06
CA VAL B 142 -1.20 -20.96 19.36
C VAL B 142 -0.25 -20.51 20.47
N ASP B 143 1.07 -20.61 20.22
CA ASP B 143 2.05 -20.13 21.19
C ASP B 143 1.86 -18.64 21.49
N HIS B 144 1.73 -17.82 20.45
CA HIS B 144 1.62 -16.39 20.64
C HIS B 144 0.31 -16.02 21.36
N TRP B 145 -0.82 -16.67 20.99
CA TRP B 145 -2.07 -16.41 21.73
C TRP B 145 -1.90 -16.85 23.19
N THR B 146 -1.29 -18.01 23.43
CA THR B 146 -1.21 -18.51 24.80
C THR B 146 -0.39 -17.57 25.65
N GLN B 147 0.69 -17.02 25.09
CA GLN B 147 1.52 -16.09 25.85
C GLN B 147 0.75 -14.82 26.20
N TYR B 148 0.01 -14.27 25.24
CA TYR B 148 -0.75 -13.05 25.50
C TYR B 148 -1.79 -13.30 26.58
N LEU B 149 -2.49 -14.42 26.48
CA LEU B 149 -3.55 -14.72 27.43
C LEU B 149 -2.99 -14.96 28.82
N THR B 150 -1.99 -15.85 28.95
CA THR B 150 -1.54 -16.22 30.29
C THR B 150 -0.80 -15.06 30.95
N ALA B 151 -0.33 -14.10 30.17
CA ALA B 151 0.32 -12.93 30.75
C ALA B 151 -0.60 -12.16 31.68
N HIS B 152 -1.94 -12.28 31.49
CA HIS B 152 -2.89 -11.68 32.43
C HIS B 152 -2.79 -12.30 33.80
N ILE B 153 -2.46 -13.58 33.87
CA ILE B 153 -2.27 -14.20 35.16
C ILE B 153 -1.04 -13.59 35.84
N THR B 154 0.05 -13.46 35.08
CA THR B 154 1.27 -12.87 35.62
C THR B 154 1.01 -11.45 36.11
N GLU B 155 0.22 -10.69 35.35
CA GLU B 155 -0.13 -9.33 35.75
C GLU B 155 -0.83 -9.33 37.11
N ALA B 156 -1.72 -10.30 37.33
CA ALA B 156 -2.44 -10.34 38.60
C ALA B 156 -1.51 -10.67 39.76
N THR B 157 -0.57 -11.58 39.56
CA THR B 157 0.39 -11.88 40.61
C THR B 157 1.26 -10.67 40.90
N ASN B 158 1.76 -10.02 39.86
CA ASN B 158 2.46 -8.76 40.01
C ASN B 158 1.42 -7.72 40.43
N PRO B 165 8.14 -2.86 37.18
CA PRO B 165 9.20 -3.36 36.29
C PRO B 165 10.22 -2.29 35.93
N THR B 166 11.45 -2.71 35.65
CA THR B 166 12.40 -1.82 35.01
C THR B 166 11.95 -1.51 33.58
N ILE B 167 12.60 -0.51 32.96
CA ILE B 167 12.36 -0.22 31.56
C ILE B 167 12.64 -1.45 30.71
N ALA B 168 13.76 -2.12 30.98
CA ALA B 168 14.16 -3.29 30.20
C ALA B 168 13.14 -4.41 30.36
N ASP B 169 12.68 -4.63 31.60
CA ASP B 169 11.68 -5.67 31.86
C ASP B 169 10.38 -5.36 31.14
N TYR B 170 9.94 -4.10 31.21
CA TYR B 170 8.68 -3.73 30.56
C TYR B 170 8.76 -3.98 29.07
N LEU B 171 9.84 -3.54 28.44
CA LEU B 171 9.96 -3.70 26.99
C LEU B 171 9.98 -5.16 26.59
N GLU B 172 10.71 -5.98 27.35
CA GLU B 172 10.76 -7.42 27.10
C GLU B 172 9.38 -8.06 27.25
N LEU B 173 8.67 -7.70 28.31
CA LEU B 173 7.33 -8.23 28.55
C LEU B 173 6.36 -7.83 27.45
N ARG B 174 6.38 -6.56 27.03
CA ARG B 174 5.43 -6.16 25.98
C ARG B 174 5.70 -6.94 24.71
N HIS B 175 6.98 -7.14 24.35
CA HIS B 175 7.16 -7.68 23.02
C HIS B 175 7.07 -9.19 23.00
N ARG B 176 7.37 -9.85 24.13
CA ARG B 176 7.35 -11.30 24.17
C ARG B 176 6.00 -11.87 24.61
N THR B 177 5.18 -11.12 25.34
CA THR B 177 3.95 -11.67 25.88
C THR B 177 2.76 -10.74 25.72
N GLY B 178 2.87 -9.67 24.95
CA GLY B 178 1.78 -8.76 24.73
C GLY B 178 0.89 -9.17 23.56
N PHE B 179 0.04 -8.24 23.17
CA PHE B 179 -0.92 -8.45 22.09
C PHE B 179 -0.29 -8.36 20.69
N MET B 180 0.91 -7.79 20.57
CA MET B 180 1.44 -7.69 19.22
C MET B 180 1.79 -9.04 18.58
N PRO B 181 2.36 -10.03 19.27
CA PRO B 181 2.67 -11.30 18.57
C PRO B 181 1.43 -11.92 17.94
N PRO B 182 0.29 -11.96 18.62
CA PRO B 182 -0.93 -12.40 17.90
C PRO B 182 -1.35 -11.50 16.75
N LEU B 183 -1.27 -10.17 16.90
CA LEU B 183 -1.62 -9.29 15.81
C LEU B 183 -0.73 -9.47 14.60
N LEU B 184 0.56 -9.77 14.81
CA LEU B 184 1.45 -10.03 13.68
C LEU B 184 1.04 -11.27 12.91
N ASP B 185 0.61 -12.32 13.63
CA ASP B 185 0.12 -13.53 12.95
C ASP B 185 -1.17 -13.25 12.23
N LEU B 186 -2.00 -12.36 12.79
CA LEU B 186 -3.28 -12.01 12.17
C LEU B 186 -3.07 -11.34 10.82
N ILE B 187 -2.01 -10.56 10.69
CA ILE B 187 -1.72 -9.88 9.41
C ILE B 187 -1.65 -10.89 8.27
N GLU B 188 -0.91 -11.97 8.49
CA GLU B 188 -0.82 -13.03 7.48
C GLU B 188 -2.19 -13.60 7.13
N ARG B 189 -3.07 -13.81 8.12
CA ARG B 189 -4.40 -14.35 7.85
C ARG B 189 -5.28 -13.37 7.08
N VAL B 190 -5.37 -12.12 7.52
CA VAL B 190 -6.32 -11.19 6.91
C VAL B 190 -5.90 -10.84 5.49
N TRP B 191 -4.61 -10.67 5.27
CA TRP B 191 -4.07 -10.43 3.94
C TRP B 191 -3.96 -11.70 3.12
N ARG B 192 -4.27 -12.88 3.69
CA ARG B 192 -4.09 -14.18 3.05
C ARG B 192 -2.69 -14.29 2.39
N ALA B 193 -1.68 -14.10 3.25
CA ALA B 193 -0.28 -14.01 2.81
C ALA B 193 0.57 -14.52 3.99
N GLU B 194 0.67 -15.84 4.06
CA GLU B 194 1.52 -16.46 5.05
C GLU B 194 3.00 -16.28 4.68
N ILE B 195 3.80 -15.89 5.66
CA ILE B 195 5.25 -15.74 5.44
C ILE B 195 5.87 -17.12 5.25
N PRO B 196 6.65 -17.36 4.18
CA PRO B 196 7.26 -18.67 3.97
C PRO B 196 8.11 -19.07 5.17
N ALA B 197 7.93 -20.29 5.61
CA ALA B 197 8.61 -20.74 6.81
C ALA B 197 10.11 -20.55 6.73
N PRO B 198 10.78 -20.80 5.60
CA PRO B 198 12.25 -20.64 5.56
C PRO B 198 12.72 -19.21 5.75
N VAL B 199 11.89 -18.21 5.48
CA VAL B 199 12.33 -16.83 5.69
C VAL B 199 11.83 -16.29 7.02
N TYR B 200 10.84 -16.93 7.64
CA TYR B 200 10.24 -16.41 8.86
C TYR B 200 11.26 -16.27 9.96
N THR B 201 12.18 -17.23 10.08
CA THR B 201 13.15 -17.29 11.17
C THR B 201 14.43 -16.53 10.89
N THR B 202 14.54 -15.87 9.74
CA THR B 202 15.75 -15.14 9.42
C THR B 202 15.88 -13.90 10.30
N PRO B 203 17.13 -13.46 10.56
CA PRO B 203 17.31 -12.20 11.29
C PRO B 203 16.57 -11.03 10.68
N GLU B 204 16.53 -10.97 9.35
CA GLU B 204 15.84 -9.87 8.68
C GLU B 204 14.34 -9.84 9.00
N VAL B 205 13.64 -10.98 8.82
CA VAL B 205 12.20 -10.97 9.07
C VAL B 205 11.91 -10.81 10.57
N GLN B 206 12.73 -11.45 11.41
CA GLN B 206 12.57 -11.30 12.86
C GLN B 206 12.75 -9.85 13.29
N THR B 207 13.67 -9.15 12.66
CA THR B 207 13.83 -7.71 12.92
C THR B 207 12.59 -6.92 12.50
N LEU B 208 12.05 -7.20 11.29
CA LEU B 208 10.84 -6.51 10.86
C LEU B 208 9.71 -6.78 11.84
N LEU B 209 9.58 -8.01 12.31
CA LEU B 209 8.53 -8.35 13.25
C LEU B 209 8.74 -7.62 14.57
N HIS B 210 9.97 -7.63 15.06
CA HIS B 210 10.27 -7.04 16.36
C HIS B 210 10.06 -5.52 16.35
N THR B 211 10.52 -4.86 15.30
CA THR B 211 10.39 -3.39 15.23
C THR B 211 8.92 -3.00 15.02
N THR B 212 8.17 -3.80 14.27
CA THR B 212 6.74 -3.52 14.17
C THR B 212 6.07 -3.64 15.55
N ASN B 213 6.41 -4.72 16.27
CA ASN B 213 5.93 -5.02 17.62
C ASN B 213 6.14 -3.83 18.55
N GLN B 214 7.39 -3.40 18.69
CA GLN B 214 7.71 -2.36 19.65
C GLN B 214 7.19 -0.99 19.19
N ASN B 215 7.29 -0.69 17.89
CA ASN B 215 6.80 0.61 17.42
C ASN B 215 5.33 0.78 17.81
N ILE B 216 4.53 -0.25 17.53
CA ILE B 216 3.09 -0.14 17.82
C ILE B 216 2.83 -0.10 19.33
N ASN B 217 3.51 -0.95 20.11
CA ASN B 217 3.40 -0.91 21.58
C ASN B 217 3.62 0.51 22.12
N ILE B 218 4.72 1.15 21.71
CA ILE B 218 5.09 2.41 22.33
C ILE B 218 4.38 3.61 21.72
N VAL B 219 4.03 3.57 20.44
CA VAL B 219 3.14 4.60 19.89
C VAL B 219 1.81 4.56 20.61
N ASN B 220 1.28 3.35 20.86
CA ASN B 220 0.06 3.30 21.68
C ASN B 220 0.30 3.82 23.09
N ASP B 221 1.45 3.46 23.73
CA ASP B 221 1.71 3.98 25.06
C ASP B 221 1.68 5.51 25.10
N VAL B 222 2.33 6.15 24.13
CA VAL B 222 2.37 7.62 24.13
C VAL B 222 0.95 8.18 23.92
N LEU B 223 0.20 7.60 23.00
CA LEU B 223 -1.07 8.18 22.64
C LEU B 223 -2.20 7.75 23.56
N SER B 224 -2.06 6.69 24.32
CA SER B 224 -3.07 6.33 25.31
C SER B 224 -2.65 6.68 26.74
N LEU B 225 -1.58 7.47 26.88
CA LEU B 225 -1.03 7.78 28.19
C LEU B 225 -2.06 8.49 29.08
N GLU B 226 -2.71 9.55 28.56
CA GLU B 226 -3.60 10.32 29.43
C GLU B 226 -4.77 9.45 29.91
N LYS B 227 -5.33 8.64 29.02
CA LYS B 227 -6.36 7.68 29.41
C LYS B 227 -5.87 6.76 30.52
N GLU B 228 -4.68 6.21 30.34
CA GLU B 228 -4.23 5.21 31.30
C GLU B 228 -3.94 5.85 32.65
N GLU B 229 -3.37 7.06 32.66
CA GLU B 229 -3.20 7.79 33.90
C GLU B 229 -4.55 8.05 34.58
N ALA B 230 -5.53 8.48 33.80
CA ALA B 230 -6.84 8.78 34.36
C ALA B 230 -7.47 7.55 35.00
N HIS B 231 -7.10 6.36 34.53
CA HIS B 231 -7.68 5.12 35.03
C HIS B 231 -6.78 4.41 36.02
N GLY B 232 -5.64 5.00 36.36
CA GLY B 232 -4.75 4.34 37.31
C GLY B 232 -4.03 3.14 36.75
N ASP B 233 -3.89 3.10 35.43
CA ASP B 233 -3.30 1.96 34.73
C ASP B 233 -1.79 2.18 34.62
N PRO B 234 -0.96 1.37 35.26
CA PRO B 234 0.49 1.64 35.29
C PRO B 234 1.27 1.06 34.12
N HIS B 235 0.61 0.39 33.16
CA HIS B 235 1.34 -0.41 32.18
C HIS B 235 1.55 0.48 30.96
N ASN B 236 2.56 1.35 31.08
CA ASN B 236 2.83 2.35 30.06
C ASN B 236 4.30 2.75 30.17
N LEU B 237 5.03 2.65 29.04
CA LEU B 237 6.47 2.88 29.08
C LEU B 237 6.80 4.25 29.67
N VAL B 238 5.99 5.26 29.34
CA VAL B 238 6.31 6.62 29.80
C VAL B 238 6.29 6.66 31.32
N LEU B 239 5.26 6.07 31.93
CA LEU B 239 5.21 5.99 33.39
C LEU B 239 6.35 5.15 33.94
N VAL B 240 6.68 4.05 33.26
CA VAL B 240 7.76 3.17 33.72
C VAL B 240 9.08 3.90 33.71
N ILE B 241 9.41 4.58 32.59
CA ILE B 241 10.62 5.41 32.54
C ILE B 241 10.65 6.38 33.70
N GLN B 242 9.59 7.17 33.87
CA GLN B 242 9.58 8.17 34.93
C GLN B 242 9.84 7.54 36.29
N HIS B 243 9.18 6.42 36.55
CA HIS B 243 9.38 5.77 37.84
C HIS B 243 10.82 5.31 38.00
N GLU B 244 11.42 4.73 36.95
CA GLU B 244 12.76 4.17 37.09
C GLU B 244 13.81 5.27 37.21
N ARG B 245 13.67 6.32 36.39
CA ARG B 245 14.69 7.35 36.28
C ARG B 245 14.36 8.60 37.06
N GLN B 246 13.19 8.69 37.69
CA GLN B 246 12.72 9.93 38.30
C GLN B 246 12.83 11.10 37.32
N SER B 247 12.42 10.85 36.08
CA SER B 247 12.54 11.87 35.05
C SER B 247 11.20 12.60 34.94
N THR B 248 11.23 13.75 34.27
CA THR B 248 9.99 14.48 34.04
C THR B 248 9.16 13.82 32.94
N ARG B 249 7.93 14.28 32.83
CA ARG B 249 7.03 13.79 31.78
C ARG B 249 7.60 14.06 30.40
N GLN B 250 8.14 15.26 30.18
CA GLN B 250 8.73 15.58 28.89
C GLN B 250 9.97 14.74 28.60
N GLN B 251 10.80 14.52 29.61
CA GLN B 251 11.98 13.68 29.40
C GLN B 251 11.59 12.28 28.97
N ALA B 252 10.61 11.70 29.67
CA ALA B 252 10.20 10.33 29.38
C ALA B 252 9.54 10.23 28.00
N LEU B 253 8.68 11.21 27.66
CA LEU B 253 8.09 11.28 26.33
C LEU B 253 9.18 11.40 25.27
N ALA B 254 10.21 12.20 25.54
CA ALA B 254 11.29 12.33 24.54
C ALA B 254 12.07 11.02 24.39
N THR B 255 12.25 10.29 25.47
CA THR B 255 12.89 8.97 25.40
C THR B 255 12.04 8.04 24.58
N ALA B 256 10.73 8.04 24.84
CA ALA B 256 9.84 7.20 24.05
C ALA B 256 9.92 7.57 22.56
N ARG B 257 9.99 8.87 22.27
CA ARG B 257 10.06 9.33 20.89
C ARG B 257 11.32 8.82 20.21
N ARG B 258 12.45 8.89 20.91
CA ARG B 258 13.67 8.41 20.28
C ARG B 258 13.60 6.93 19.99
N MET B 259 12.96 6.18 20.88
CA MET B 259 12.84 4.75 20.69
C MET B 259 11.97 4.44 19.49
N ILE B 260 10.81 5.11 19.40
CA ILE B 260 9.90 4.96 18.27
C ILE B 260 10.64 5.25 16.98
N ASP B 261 11.36 6.37 16.93
CA ASP B 261 12.06 6.73 15.70
C ASP B 261 13.15 5.70 15.35
N GLU B 262 13.83 5.13 16.35
CA GLU B 262 14.87 4.14 16.05
C GLU B 262 14.25 2.86 15.49
N TRP B 263 13.10 2.45 16.02
CA TRP B 263 12.48 1.24 15.50
C TRP B 263 11.97 1.45 14.08
N THR B 264 11.39 2.64 13.81
CA THR B 264 10.92 2.96 12.46
C THR B 264 12.08 2.93 11.49
N ASP B 265 13.19 3.57 11.89
CA ASP B 265 14.38 3.59 11.05
C ASP B 265 14.91 2.18 10.79
N THR B 266 14.92 1.32 11.81
CA THR B 266 15.40 -0.04 11.63
C THR B 266 14.50 -0.82 10.66
N PHE B 267 13.19 -0.64 10.79
CA PHE B 267 12.25 -1.28 9.88
C PHE B 267 12.56 -0.91 8.43
N ILE B 268 12.64 0.39 8.15
CA ILE B 268 12.72 0.79 6.75
C ILE B 268 14.11 0.48 6.17
N ARG B 269 15.15 0.40 7.00
CA ARG B 269 16.48 0.04 6.52
C ARG B 269 16.61 -1.43 6.29
N THR B 270 15.73 -2.24 6.88
CA THR B 270 15.82 -3.70 6.81
C THR B 270 15.03 -4.29 5.64
N GLU B 271 13.87 -3.70 5.33
CA GLU B 271 13.01 -4.20 4.26
C GLU B 271 13.74 -4.40 2.93
N PRO B 272 14.63 -3.51 2.53
CA PRO B 272 15.30 -3.64 1.23
C PRO B 272 16.18 -4.85 1.11
N ARG B 273 16.47 -5.57 2.21
CA ARG B 273 17.28 -6.76 2.19
C ARG B 273 16.50 -7.99 1.77
N LEU B 274 15.21 -7.90 1.73
CA LEU B 274 14.42 -9.12 1.61
C LEU B 274 14.54 -9.80 0.23
N PRO B 275 14.53 -9.09 -0.89
CA PRO B 275 14.60 -9.79 -2.18
C PRO B 275 15.88 -10.59 -2.31
N ALA B 276 17.02 -10.01 -1.97
CA ALA B 276 18.29 -10.71 -2.05
C ALA B 276 18.30 -11.92 -1.10
N LEU B 277 17.72 -11.75 0.09
CA LEU B 277 17.63 -12.85 1.05
C LEU B 277 16.84 -13.98 0.45
N CYS B 278 15.70 -13.65 -0.16
CA CYS B 278 14.87 -14.67 -0.78
C CYS B 278 15.61 -15.37 -1.89
N GLY B 279 16.43 -14.64 -2.64
CA GLY B 279 17.23 -15.28 -3.67
C GLY B 279 18.24 -16.26 -3.10
N ARG B 280 18.94 -15.86 -2.03
CA ARG B 280 19.91 -16.76 -1.42
C ARG B 280 19.24 -18.00 -0.85
N LEU B 281 18.00 -17.89 -0.38
CA LEU B 281 17.30 -19.03 0.16
C LEU B 281 16.55 -19.83 -0.92
N GLY B 282 16.61 -19.40 -2.18
CA GLY B 282 15.90 -20.15 -3.23
C GLY B 282 14.39 -20.13 -3.16
N ILE B 283 13.81 -19.05 -2.62
CA ILE B 283 12.36 -18.92 -2.49
C ILE B 283 11.73 -18.67 -3.86
N PRO B 284 10.75 -19.46 -4.30
CA PRO B 284 10.05 -19.15 -5.56
C PRO B 284 9.39 -17.77 -5.53
N LEU B 285 9.25 -17.17 -6.72
CA LEU B 285 8.76 -15.78 -6.77
C LEU B 285 7.36 -15.65 -6.18
N ALA B 286 6.46 -16.60 -6.46
CA ALA B 286 5.11 -16.50 -5.92
C ALA B 286 5.13 -16.49 -4.39
N ASP B 287 6.03 -17.27 -3.77
CA ASP B 287 6.18 -17.24 -2.31
C ASP B 287 6.75 -15.92 -1.82
N ARG B 288 7.65 -15.32 -2.59
CA ARG B 288 8.17 -14.04 -2.20
C ARG B 288 7.08 -13.00 -2.12
N THR B 289 6.16 -13.00 -3.11
CA THR B 289 5.05 -12.02 -3.07
C THR B 289 4.21 -12.20 -1.81
N SER B 290 4.09 -13.43 -1.29
CA SER B 290 3.43 -13.57 0.01
CA SER B 290 3.43 -13.58 0.01
C SER B 290 4.18 -12.82 1.10
N LEU B 291 5.49 -12.97 1.16
CA LEU B 291 6.29 -12.26 2.13
C LEU B 291 6.13 -10.74 1.98
N TYR B 292 6.23 -10.23 0.75
CA TYR B 292 6.12 -8.79 0.53
C TYR B 292 4.74 -8.29 0.96
N THR B 293 3.71 -9.12 0.79
CA THR B 293 2.36 -8.74 1.17
C THR B 293 2.25 -8.64 2.70
N ALA B 294 2.84 -9.59 3.44
CA ALA B 294 2.83 -9.52 4.90
C ALA B 294 3.58 -8.29 5.39
N VAL B 295 4.68 -7.96 4.70
CA VAL B 295 5.47 -6.78 5.07
C VAL B 295 4.69 -5.50 4.80
N GLU B 296 3.94 -5.44 3.68
CA GLU B 296 3.01 -4.33 3.48
C GLU B 296 2.00 -4.27 4.60
N GLY B 297 1.52 -5.43 5.07
CA GLY B 297 0.63 -5.43 6.21
C GLY B 297 1.27 -4.87 7.47
N MET B 298 2.54 -5.14 7.66
CA MET B 298 3.23 -4.51 8.79
C MET B 298 3.30 -3.00 8.62
N ARG B 299 3.60 -2.51 7.41
CA ARG B 299 3.63 -1.07 7.17
C ARG B 299 2.28 -0.46 7.49
N ALA B 300 1.22 -1.09 7.00
CA ALA B 300 -0.12 -0.61 7.26
C ALA B 300 -0.49 -0.62 8.74
N ALA B 301 -0.02 -1.63 9.47
CA ALA B 301 -0.30 -1.72 10.89
C ALA B 301 0.42 -0.62 11.65
N ILE B 302 1.69 -0.37 11.31
CA ILE B 302 2.43 0.69 12.00
C ILE B 302 1.72 2.04 11.79
N ARG B 303 1.40 2.38 10.53
CA ARG B 303 0.76 3.65 10.23
C ARG B 303 -0.68 3.65 10.74
N GLY B 304 -1.38 2.53 10.58
CA GLY B 304 -2.78 2.46 11.02
C GLY B 304 -2.94 2.61 12.52
N ASN B 305 -2.04 1.98 13.29
CA ASN B 305 -2.00 2.17 14.72
C ASN B 305 -1.79 3.63 15.08
N TYR B 306 -0.84 4.28 14.44
CA TYR B 306 -0.59 5.69 14.75
C TYR B 306 -1.81 6.58 14.43
N ASP B 307 -2.36 6.43 13.22
CA ASP B 307 -3.49 7.26 12.82
C ASP B 307 -4.69 6.98 13.70
N TRP B 308 -4.94 5.71 14.02
CA TRP B 308 -6.13 5.41 14.82
C TRP B 308 -5.93 5.87 16.27
N CYS B 309 -4.77 5.57 16.88
CA CYS B 309 -4.56 6.03 18.25
C CYS B 309 -4.66 7.57 18.33
N ALA B 310 -4.22 8.26 17.29
CA ALA B 310 -4.27 9.71 17.28
C ALA B 310 -5.71 10.25 17.18
N GLU B 311 -6.59 9.54 16.46
CA GLU B 311 -7.94 10.04 16.18
C GLU B 311 -8.99 9.52 17.15
N THR B 312 -8.77 8.41 17.85
CA THR B 312 -9.87 7.72 18.51
C THR B 312 -10.26 8.43 19.80
N ASN B 313 -11.59 8.56 19.99
CA ASN B 313 -12.14 9.08 21.24
CA ASN B 313 -12.04 9.14 21.26
C ASN B 313 -11.83 8.18 22.43
N ARG B 314 -11.46 6.92 22.19
CA ARG B 314 -11.09 6.04 23.30
C ARG B 314 -9.98 6.67 24.13
N TYR B 315 -9.08 7.44 23.48
CA TYR B 315 -7.93 8.07 24.14
C TYR B 315 -8.15 9.57 24.30
N VAL B 317 -10.28 11.76 24.44
CA VAL B 317 -11.25 12.42 25.34
C VAL B 317 -10.57 12.78 26.66
N HIS B 318 -9.49 12.06 26.96
CA HIS B 318 -8.69 12.28 28.17
C HIS B 318 -7.55 13.28 27.91
N THR B 328 -17.74 4.51 28.94
CA THR B 328 -17.55 3.06 28.97
C THR B 328 -18.77 2.29 28.43
N PRO B 329 -18.57 1.39 27.48
CA PRO B 329 -19.67 0.56 26.97
C PRO B 329 -19.81 -0.80 27.63
N TRP B 330 -19.05 -1.13 28.67
CA TRP B 330 -19.10 -2.49 29.19
C TRP B 330 -19.89 -2.55 30.49
#